data_5Y1E
#
_entry.id   5Y1E
#
_cell.length_a   112.594
_cell.length_b   50.857
_cell.length_c   55.252
_cell.angle_alpha   90.00
_cell.angle_beta   105.60
_cell.angle_gamma   90.00
#
_symmetry.space_group_name_H-M   'C 1 2 1'
#
loop_
_entity.id
_entity.type
_entity.pdbx_description
1 polymer 'NAD dependent epimerase/dehydratase family'
2 non-polymer NICOTINAMIDE-ADENINE-DINUCLEOTIDE
3 non-polymer SERINE
4 water water
#
_entity_poly.entity_id   1
_entity_poly.type   'polypeptide(L)'
_entity_poly.pdbx_seq_one_letter_code
;MGSSHHHHHHSSGLVPRGSHMILVTGALGQIGTELVLALQEKYGNDKIIASDLKEPENYHCKFEKCDIRDIETYERINNE
NKIEIVYHLAAILSAAGEKNPELCHDVNYNGLENVLKTAKKYNQKLFCPSSIAVFGPDVPKEMTPQNVELNPKTVYGITK
VKGEELCDTYFKEHGIDVRGIRYPGLISWKHKPSGGTTDYAVEMYFDAVESGKYECFVNRNTRLPMMFMDDAIRATLELM
DAPLDSLNYHSNYNLSSMSFSAEELEKEISAHVDFNCLYKPDYRQDIADTWPISINDDDARKDWGWEPKFDISKMTEEMI
TNLRRLNE
;
_entity_poly.pdbx_strand_id   A
#
# COMPACT_ATOMS: atom_id res chain seq x y z
N MET A 21 0.63 -8.87 -20.92
CA MET A 21 1.35 -9.63 -19.87
C MET A 21 1.71 -8.67 -18.72
N ILE A 22 1.34 -9.10 -17.52
CA ILE A 22 1.43 -8.28 -16.31
C ILE A 22 2.25 -9.02 -15.28
N LEU A 23 3.23 -8.33 -14.71
CA LEU A 23 3.97 -8.79 -13.57
C LEU A 23 3.61 -7.99 -12.31
N VAL A 24 3.50 -8.71 -11.20
CA VAL A 24 3.28 -8.11 -9.88
C VAL A 24 4.47 -8.45 -9.01
N THR A 25 5.27 -7.44 -8.64
CA THR A 25 6.29 -7.64 -7.63
C THR A 25 5.70 -7.49 -6.22
N GLY A 26 6.40 -8.04 -5.23
CA GLY A 26 5.90 -8.05 -3.88
C GLY A 26 4.54 -8.76 -3.78
N ALA A 27 4.38 -9.82 -4.57
CA ALA A 27 3.06 -10.41 -4.83
C ALA A 27 2.45 -11.07 -3.59
N LEU A 28 3.28 -11.50 -2.66
CA LEU A 28 2.82 -12.30 -1.53
C LEU A 28 2.50 -11.46 -0.28
N GLY A 29 2.57 -10.14 -0.41
CA GLY A 29 2.32 -9.29 0.74
C GLY A 29 0.86 -8.92 0.88
N GLN A 30 0.58 -7.89 1.68
CA GLN A 30 -0.81 -7.56 2.07
C GLN A 30 -1.66 -7.12 0.89
N ILE A 31 -1.11 -6.22 0.09
CA ILE A 31 -1.79 -5.81 -1.12
C ILE A 31 -1.73 -6.89 -2.21
N GLY A 32 -0.56 -7.47 -2.43
CA GLY A 32 -0.36 -8.41 -3.56
C GLY A 32 -1.25 -9.62 -3.46
N THR A 33 -1.52 -10.06 -2.22
CA THR A 33 -2.41 -11.19 -1.99
C THR A 33 -3.77 -10.99 -2.63
N GLU A 34 -4.28 -9.79 -2.58
CA GLU A 34 -5.56 -9.51 -3.18
C GLU A 34 -5.46 -8.99 -4.61
N LEU A 35 -4.37 -8.26 -4.91
CA LEU A 35 -4.22 -7.68 -6.26
C LEU A 35 -4.01 -8.77 -7.34
N VAL A 36 -3.20 -9.77 -7.04
CA VAL A 36 -2.98 -10.86 -8.00
C VAL A 36 -4.32 -11.49 -8.42
N LEU A 37 -5.15 -11.83 -7.42
CA LEU A 37 -6.46 -12.43 -7.73
C LEU A 37 -7.35 -11.50 -8.57
N ALA A 38 -7.36 -10.21 -8.21
CA ALA A 38 -8.14 -9.25 -8.97
C ALA A 38 -7.68 -9.12 -10.41
N LEU A 39 -6.37 -9.13 -10.63
CA LEU A 39 -5.85 -9.03 -11.97
C LEU A 39 -6.10 -10.31 -12.78
N GLN A 40 -5.94 -11.46 -12.14
CA GLN A 40 -6.21 -12.74 -12.80
C GLN A 40 -7.64 -12.75 -13.29
N GLU A 41 -8.55 -12.28 -12.45
CA GLU A 41 -9.95 -12.26 -12.81
C GLU A 41 -10.28 -11.26 -13.90
N LYS A 42 -9.65 -10.09 -13.87
CA LYS A 42 -9.90 -9.08 -14.91
C LYS A 42 -9.32 -9.46 -16.27
N TYR A 43 -8.11 -10.01 -16.30
CA TYR A 43 -7.36 -10.13 -17.57
C TYR A 43 -7.19 -11.55 -18.04
N GLY A 44 -7.34 -12.50 -17.12
CA GLY A 44 -7.11 -13.89 -17.45
C GLY A 44 -5.92 -14.36 -16.68
N ASN A 45 -5.97 -15.61 -16.24
CA ASN A 45 -4.78 -16.20 -15.63
C ASN A 45 -3.60 -16.37 -16.62
N ASP A 46 -3.89 -16.45 -17.91
CA ASP A 46 -2.81 -16.52 -18.90
C ASP A 46 -1.97 -15.21 -18.97
N LYS A 47 -2.38 -14.15 -18.25
CA LYS A 47 -1.72 -12.87 -18.40
C LYS A 47 -0.89 -12.45 -17.18
N ILE A 48 -0.96 -13.21 -16.08
CA ILE A 48 -0.44 -12.70 -14.81
C ILE A 48 0.75 -13.55 -14.35
N ILE A 49 1.87 -12.87 -14.06
CA ILE A 49 3.00 -13.43 -13.36
C ILE A 49 3.19 -12.76 -12.02
N ALA A 50 3.30 -13.57 -10.97
CA ALA A 50 3.64 -13.10 -9.61
C ALA A 50 5.13 -13.29 -9.30
N SER A 51 5.68 -12.40 -8.46
CA SER A 51 7.06 -12.50 -8.01
C SER A 51 7.22 -11.96 -6.59
N ASP A 52 8.14 -12.58 -5.85
CA ASP A 52 8.51 -12.13 -4.50
C ASP A 52 9.82 -12.83 -4.20
N LEU A 53 10.31 -12.70 -2.98
CA LEU A 53 11.63 -13.25 -2.60
C LEU A 53 11.72 -14.78 -2.56
N LYS A 54 10.69 -15.43 -2.03
CA LYS A 54 10.73 -16.89 -1.79
C LYS A 54 9.50 -17.58 -2.34
N GLU A 55 9.70 -18.70 -3.02
CA GLU A 55 8.59 -19.38 -3.67
C GLU A 55 7.62 -19.89 -2.60
N PRO A 56 6.30 -19.67 -2.77
CA PRO A 56 5.34 -20.32 -1.91
C PRO A 56 4.90 -21.67 -2.49
N GLU A 57 4.08 -22.44 -1.78
CA GLU A 57 3.32 -23.55 -2.41
C GLU A 57 1.82 -23.35 -2.37
N ASN A 58 1.11 -24.27 -3.01
CA ASN A 58 -0.35 -24.19 -3.13
C ASN A 58 -0.75 -22.86 -3.73
N TYR A 59 0.03 -22.43 -4.72
CA TYR A 59 -0.11 -21.09 -5.26
C TYR A 59 -0.56 -21.21 -6.71
N HIS A 60 -1.69 -20.58 -7.04
CA HIS A 60 -2.36 -20.81 -8.32
C HIS A 60 -1.68 -20.09 -9.46
N CYS A 61 -1.35 -18.83 -9.20
CA CYS A 61 -0.63 -18.01 -10.17
C CYS A 61 0.78 -18.54 -10.53
N LYS A 62 1.14 -18.45 -11.81
CA LYS A 62 2.55 -18.48 -12.25
C LYS A 62 3.44 -17.57 -11.40
N PHE A 63 4.55 -18.09 -10.89
CA PHE A 63 5.40 -17.39 -9.90
C PHE A 63 6.87 -17.46 -10.29
N GLU A 64 7.58 -16.33 -10.15
CA GLU A 64 9.02 -16.27 -10.38
C GLU A 64 9.70 -15.61 -9.22
N LYS A 65 10.63 -16.31 -8.59
CA LYS A 65 11.29 -15.72 -7.43
C LYS A 65 12.35 -14.71 -7.86
N CYS A 66 12.51 -13.65 -7.07
CA CYS A 66 13.48 -12.62 -7.41
C CYS A 66 13.68 -11.65 -6.26
N ASP A 67 14.94 -11.28 -6.01
CA ASP A 67 15.23 -10.14 -5.14
C ASP A 67 15.17 -8.92 -6.03
N ILE A 68 14.37 -7.94 -5.62
CA ILE A 68 14.20 -6.73 -6.44
C ILE A 68 15.50 -5.98 -6.72
N ARG A 69 16.52 -6.21 -5.89
CA ARG A 69 17.82 -5.55 -6.09
C ARG A 69 18.71 -6.27 -7.11
N ASP A 70 18.31 -7.49 -7.48
CA ASP A 70 19.07 -8.33 -8.46
C ASP A 70 18.59 -8.03 -9.85
N ILE A 71 19.25 -7.07 -10.50
CA ILE A 71 18.77 -6.51 -11.77
C ILE A 71 18.81 -7.56 -12.89
N GLU A 72 19.80 -8.44 -12.87
CA GLU A 72 19.91 -9.46 -13.88
C GLU A 72 18.74 -10.45 -13.85
N THR A 73 18.37 -10.89 -12.67
CA THR A 73 17.25 -11.80 -12.59
C THR A 73 15.92 -11.11 -12.91
N TYR A 74 15.76 -9.88 -12.41
CA TYR A 74 14.55 -9.09 -12.62
C TYR A 74 14.29 -8.87 -14.12
N GLU A 75 15.33 -8.41 -14.81
CA GLU A 75 15.24 -8.23 -16.20
C GLU A 75 14.92 -9.52 -16.95
N ARG A 76 15.59 -10.61 -16.59
CA ARG A 76 15.30 -11.94 -17.23
C ARG A 76 13.83 -12.33 -17.13
N ILE A 77 13.27 -12.16 -15.95
CA ILE A 77 11.86 -12.46 -15.75
C ILE A 77 10.95 -11.61 -16.64
N ASN A 78 11.27 -10.32 -16.76
CA ASN A 78 10.47 -9.47 -17.59
C ASN A 78 10.56 -9.82 -19.09
N ASN A 79 11.77 -10.05 -19.59
CA ASN A 79 11.84 -10.31 -21.02
C ASN A 79 11.39 -11.73 -21.42
N GLU A 80 11.61 -12.73 -20.57
CA GLU A 80 11.17 -14.10 -20.85
C GLU A 80 9.69 -14.29 -20.83
N ASN A 81 9.00 -13.46 -20.05
CA ASN A 81 7.54 -13.47 -20.00
C ASN A 81 6.90 -12.32 -20.79
N LYS A 82 7.72 -11.57 -21.52
CA LYS A 82 7.21 -10.49 -22.34
C LYS A 82 6.32 -9.51 -21.56
N ILE A 83 6.78 -9.12 -20.38
CA ILE A 83 6.03 -8.24 -19.51
C ILE A 83 5.87 -6.87 -20.12
N GLU A 84 4.62 -6.42 -20.23
CA GLU A 84 4.31 -5.09 -20.72
C GLU A 84 3.85 -4.15 -19.62
N ILE A 85 3.41 -4.69 -18.46
CA ILE A 85 2.84 -3.88 -17.35
C ILE A 85 3.31 -4.46 -16.02
N VAL A 86 3.83 -3.60 -15.14
CA VAL A 86 4.34 -4.02 -13.85
C VAL A 86 3.59 -3.29 -12.76
N TYR A 87 3.02 -4.06 -11.84
CA TYR A 87 2.48 -3.52 -10.58
C TYR A 87 3.52 -3.82 -9.50
N HIS A 88 4.25 -2.77 -9.11
CA HIS A 88 5.41 -2.92 -8.29
C HIS A 88 5.09 -2.68 -6.80
N LEU A 89 4.94 -3.75 -6.05
CA LEU A 89 4.58 -3.66 -4.65
C LEU A 89 5.69 -4.06 -3.69
N ALA A 90 6.84 -4.50 -4.20
CA ALA A 90 7.96 -4.85 -3.30
C ALA A 90 8.45 -3.67 -2.48
N ALA A 91 8.63 -3.88 -1.16
CA ALA A 91 9.09 -2.81 -0.31
C ALA A 91 9.39 -3.31 1.10
N ILE A 92 10.12 -2.49 1.85
CA ILE A 92 10.22 -2.55 3.30
C ILE A 92 9.37 -1.39 3.85
N LEU A 93 8.57 -1.66 4.90
CA LEU A 93 7.56 -0.69 5.36
C LEU A 93 8.10 0.17 6.49
N SER A 94 7.24 1.03 7.05
CA SER A 94 7.74 2.13 7.90
C SER A 94 8.51 1.70 9.16
N ALA A 95 8.00 0.71 9.86
CA ALA A 95 8.54 0.33 11.16
C ALA A 95 9.78 -0.52 10.99
N ALA A 96 9.71 -1.54 10.13
CA ALA A 96 10.91 -2.30 9.75
C ALA A 96 12.02 -1.41 9.19
N GLY A 97 11.64 -0.40 8.42
CA GLY A 97 12.61 0.49 7.83
C GLY A 97 13.24 1.44 8.83
N GLU A 98 12.52 1.78 9.89
CA GLU A 98 13.08 2.65 10.89
C GLU A 98 14.16 1.91 11.67
N LYS A 99 13.95 0.61 11.84
CA LYS A 99 14.93 -0.23 12.55
C LYS A 99 16.07 -0.69 11.65
N ASN A 100 15.85 -0.79 10.35
CA ASN A 100 16.95 -1.06 9.46
C ASN A 100 17.01 -0.08 8.26
N PRO A 101 17.53 1.13 8.48
CA PRO A 101 17.42 2.21 7.48
C PRO A 101 18.16 1.88 6.20
N GLU A 102 19.28 1.17 6.34
CA GLU A 102 20.07 0.80 5.16
C GLU A 102 19.30 -0.13 4.23
N LEU A 103 18.65 -1.14 4.82
CA LEU A 103 17.86 -2.08 4.05
C LEU A 103 16.64 -1.39 3.42
N CYS A 104 16.03 -0.50 4.19
CA CYS A 104 14.87 0.26 3.67
C CYS A 104 15.22 1.06 2.42
N HIS A 105 16.32 1.82 2.45
CA HIS A 105 16.77 2.54 1.26
C HIS A 105 17.08 1.61 0.11
N ASP A 106 17.81 0.53 0.40
CA ASP A 106 18.31 -0.35 -0.62
C ASP A 106 17.12 -1.00 -1.38
N VAL A 107 16.20 -1.64 -0.66
CA VAL A 107 15.06 -2.31 -1.32
C VAL A 107 14.13 -1.28 -1.99
N ASN A 108 13.80 -0.23 -1.26
CA ASN A 108 12.79 0.72 -1.74
C ASN A 108 13.33 1.59 -2.86
N TYR A 109 14.51 2.18 -2.66
CA TYR A 109 15.03 3.08 -3.70
C TYR A 109 15.72 2.32 -4.85
N ASN A 110 16.70 1.45 -4.55
CA ASN A 110 17.39 0.75 -5.62
C ASN A 110 16.45 -0.22 -6.34
N GLY A 111 15.52 -0.82 -5.59
CA GLY A 111 14.50 -1.72 -6.16
C GLY A 111 13.62 -0.98 -7.18
N LEU A 112 13.12 0.18 -6.80
CA LEU A 112 12.31 1.03 -7.71
C LEU A 112 13.13 1.44 -8.94
N GLU A 113 14.38 1.86 -8.71
CA GLU A 113 15.25 2.27 -9.83
C GLU A 113 15.43 1.10 -10.82
N ASN A 114 15.61 -0.10 -10.30
CA ASN A 114 15.61 -1.28 -11.13
C ASN A 114 14.34 -1.43 -11.97
N VAL A 115 13.19 -1.27 -11.32
CA VAL A 115 11.89 -1.35 -12.02
C VAL A 115 11.78 -0.29 -13.13
N LEU A 116 12.21 0.92 -12.83
CA LEU A 116 12.06 2.04 -13.75
C LEU A 116 13.04 1.92 -14.93
N LYS A 117 14.27 1.51 -14.64
CA LYS A 117 15.29 1.28 -15.67
C LYS A 117 14.80 0.23 -16.62
N THR A 118 14.21 -0.84 -16.09
CA THR A 118 13.68 -1.92 -16.93
C THR A 118 12.47 -1.48 -17.73
N ALA A 119 11.59 -0.70 -17.11
CA ALA A 119 10.43 -0.14 -17.83
C ALA A 119 10.84 0.72 -19.04
N LYS A 120 11.92 1.48 -18.88
CA LYS A 120 12.45 2.26 -19.97
C LYS A 120 12.99 1.37 -21.08
N LYS A 121 13.73 0.33 -20.73
CA LYS A 121 14.24 -0.60 -21.75
C LYS A 121 13.18 -1.28 -22.56
N TYR A 122 12.08 -1.67 -21.92
CA TYR A 122 11.08 -2.53 -22.53
C TYR A 122 9.78 -1.80 -22.75
N ASN A 123 9.79 -0.49 -22.59
CA ASN A 123 8.63 0.32 -22.81
C ASN A 123 7.37 -0.16 -22.07
N GLN A 124 7.51 -0.39 -20.76
CA GLN A 124 6.41 -0.89 -19.93
C GLN A 124 5.61 0.23 -19.32
N LYS A 125 4.36 -0.09 -18.98
CA LYS A 125 3.52 0.73 -18.11
C LYS A 125 3.68 0.23 -16.69
N LEU A 126 3.56 1.14 -15.72
CA LEU A 126 3.87 0.83 -14.34
C LEU A 126 2.84 1.40 -13.37
N PHE A 127 2.62 0.66 -12.30
CA PHE A 127 2.00 1.14 -11.07
C PHE A 127 3.02 1.04 -9.95
N CYS A 128 3.40 2.18 -9.41
CA CYS A 128 4.39 2.25 -8.36
C CYS A 128 3.81 3.06 -7.20
N PRO A 129 3.28 2.39 -6.18
CA PRO A 129 2.60 3.15 -5.10
C PRO A 129 3.54 3.95 -4.20
N SER A 130 3.02 5.03 -3.65
CA SER A 130 3.67 5.83 -2.64
C SER A 130 2.94 5.61 -1.30
N SER A 131 2.86 6.64 -0.47
CA SER A 131 2.30 6.51 0.87
C SER A 131 2.00 7.87 1.45
N ILE A 132 1.06 7.92 2.35
CA ILE A 132 0.86 9.07 3.22
C ILE A 132 2.11 9.37 4.05
N ALA A 133 3.06 8.42 4.10
CA ALA A 133 4.34 8.64 4.81
C ALA A 133 5.22 9.72 4.18
N VAL A 134 4.87 10.22 3.00
CA VAL A 134 5.62 11.31 2.37
C VAL A 134 5.48 12.60 3.17
N PHE A 135 4.43 12.71 3.96
CA PHE A 135 4.12 13.94 4.59
C PHE A 135 4.80 14.01 5.95
N GLY A 136 5.21 15.22 6.33
CA GLY A 136 5.65 15.45 7.71
C GLY A 136 4.84 16.46 8.49
N PRO A 137 5.28 16.75 9.73
CA PRO A 137 4.48 17.54 10.66
C PRO A 137 4.37 19.00 10.30
N ASP A 138 5.04 19.41 9.23
CA ASP A 138 5.03 20.82 8.87
C ASP A 138 3.86 21.12 7.96
N VAL A 139 3.14 20.11 7.49
CA VAL A 139 2.02 20.40 6.58
C VAL A 139 0.69 20.22 7.29
N PRO A 140 -0.43 20.66 6.69
CA PRO A 140 -1.74 20.54 7.36
C PRO A 140 -2.09 19.09 7.73
N LYS A 141 -2.55 18.87 8.95
CA LYS A 141 -2.76 17.51 9.41
C LYS A 141 -4.13 17.03 8.97
N GLU A 142 -5.10 17.95 8.85
CA GLU A 142 -6.39 17.61 8.32
C GLU A 142 -6.48 17.98 6.83
N MET A 143 -7.08 17.10 6.05
CA MET A 143 -7.35 17.30 4.63
C MET A 143 -6.09 17.81 3.90
N THR A 144 -5.01 17.09 4.09
CA THR A 144 -3.72 17.45 3.55
C THR A 144 -3.83 17.59 2.03
N PRO A 145 -3.45 18.75 1.48
CA PRO A 145 -3.50 18.98 0.03
C PRO A 145 -2.51 18.14 -0.77
N GLN A 146 -2.78 17.96 -2.06
CA GLN A 146 -1.94 17.21 -2.98
C GLN A 146 -0.52 17.75 -3.07
N ASN A 147 -0.35 19.07 -3.05
CA ASN A 147 0.86 19.66 -3.54
C ASN A 147 1.77 20.28 -2.48
N VAL A 148 1.58 19.94 -1.22
CA VAL A 148 2.39 20.54 -0.16
C VAL A 148 3.84 20.04 -0.18
N GLU A 149 4.70 20.76 0.53
CA GLU A 149 6.08 20.37 0.66
C GLU A 149 6.20 19.03 1.37
N LEU A 150 7.09 18.16 0.89
CA LEU A 150 7.27 16.85 1.48
C LEU A 150 8.56 16.73 2.30
N ASN A 151 8.41 16.74 3.60
CA ASN A 151 9.52 16.74 4.56
C ASN A 151 9.31 15.63 5.59
N PRO A 152 9.30 14.37 5.14
CA PRO A 152 9.00 13.25 6.03
C PRO A 152 10.07 13.06 7.11
N LYS A 153 9.63 12.65 8.29
CA LYS A 153 10.52 12.40 9.42
C LYS A 153 10.80 10.92 9.65
N THR A 154 10.59 10.07 8.67
CA THR A 154 10.91 8.64 8.78
C THR A 154 11.79 8.25 7.62
N VAL A 155 12.62 7.23 7.82
CA VAL A 155 13.43 6.68 6.75
C VAL A 155 12.56 6.23 5.58
N TYR A 156 11.45 5.57 5.91
CA TYR A 156 10.55 5.03 4.90
C TYR A 156 9.90 6.16 4.08
N GLY A 157 9.43 7.20 4.77
CA GLY A 157 8.88 8.37 4.10
C GLY A 157 9.87 9.01 3.13
N ILE A 158 11.11 9.16 3.56
CA ILE A 158 12.14 9.69 2.67
C ILE A 158 12.27 8.82 1.41
N THR A 159 12.27 7.50 1.54
CA THR A 159 12.37 6.65 0.34
C THR A 159 11.18 6.85 -0.59
N LYS A 160 9.99 7.04 -0.02
CA LYS A 160 8.80 7.23 -0.84
C LYS A 160 8.86 8.58 -1.58
N VAL A 161 9.41 9.62 -0.95
CA VAL A 161 9.51 10.93 -1.62
C VAL A 161 10.50 10.83 -2.80
N LYS A 162 11.64 10.19 -2.55
CA LYS A 162 12.60 10.00 -3.60
C LYS A 162 12.03 9.15 -4.70
N GLY A 163 11.20 8.17 -4.33
CA GLY A 163 10.54 7.36 -5.32
C GLY A 163 9.53 8.14 -6.17
N GLU A 164 8.69 8.98 -5.54
CA GLU A 164 7.79 9.87 -6.30
C GLU A 164 8.56 10.70 -7.32
N GLU A 165 9.65 11.26 -6.88
CA GLU A 165 10.44 12.13 -7.77
C GLU A 165 11.08 11.38 -8.91
N LEU A 166 11.62 10.20 -8.61
CA LEU A 166 12.23 9.39 -9.63
C LEU A 166 11.17 8.91 -10.64
N CYS A 167 10.01 8.51 -10.13
CA CYS A 167 8.90 8.10 -11.02
C CYS A 167 8.51 9.22 -11.96
N ASP A 168 8.36 10.43 -11.42
CA ASP A 168 7.93 11.55 -12.25
C ASP A 168 9.02 11.97 -13.26
N THR A 169 10.29 11.83 -12.93
CA THR A 169 11.38 11.96 -13.89
C THR A 169 11.25 10.92 -15.03
N TYR A 170 10.91 9.66 -14.73
CA TYR A 170 10.81 8.69 -15.80
C TYR A 170 9.62 9.02 -16.70
N PHE A 171 8.57 9.58 -16.13
CA PHE A 171 7.44 9.99 -16.96
C PHE A 171 7.83 11.14 -17.86
N LYS A 172 8.40 12.21 -17.31
CA LYS A 172 8.63 13.44 -18.07
C LYS A 172 9.81 13.30 -19.06
N GLU A 173 10.91 12.77 -18.57
CA GLU A 173 12.15 12.70 -19.33
C GLU A 173 12.14 11.51 -20.25
N HIS A 174 11.58 10.39 -19.82
CA HIS A 174 11.66 9.15 -20.58
C HIS A 174 10.33 8.65 -21.13
N GLY A 175 9.26 9.40 -20.92
CA GLY A 175 7.96 9.03 -21.45
C GLY A 175 7.37 7.74 -20.91
N ILE A 176 7.79 7.29 -19.72
CA ILE A 176 7.24 6.09 -19.13
C ILE A 176 5.90 6.40 -18.43
N ASP A 177 4.85 5.71 -18.83
CA ASP A 177 3.54 5.83 -18.15
C ASP A 177 3.53 5.08 -16.80
N VAL A 178 3.95 5.81 -15.77
CA VAL A 178 4.02 5.29 -14.43
C VAL A 178 2.98 6.08 -13.61
N ARG A 179 2.19 5.33 -12.87
CA ARG A 179 1.08 5.86 -12.07
C ARG A 179 1.25 5.29 -10.69
N GLY A 180 0.77 6.04 -9.70
CA GLY A 180 0.88 5.66 -8.32
C GLY A 180 -0.12 6.39 -7.44
N ILE A 181 -0.33 5.81 -6.25
CA ILE A 181 -1.27 6.30 -5.25
C ILE A 181 -0.53 6.34 -3.92
N ARG A 182 -0.67 7.45 -3.22
CA ARG A 182 -0.27 7.56 -1.83
C ARG A 182 -1.30 6.87 -0.95
N TYR A 183 -1.18 5.54 -0.79
CA TYR A 183 -2.19 4.84 -0.06
C TYR A 183 -2.17 5.29 1.39
N PRO A 184 -3.37 5.42 1.99
CA PRO A 184 -3.46 5.48 3.44
C PRO A 184 -3.21 4.12 4.04
N GLY A 185 -3.34 4.00 5.36
CA GLY A 185 -3.22 2.68 5.99
C GLY A 185 -4.29 1.78 5.47
N LEU A 186 -3.91 0.58 5.05
CA LEU A 186 -4.82 -0.37 4.42
C LEU A 186 -5.21 -1.49 5.37
N ILE A 187 -6.50 -1.83 5.41
CA ILE A 187 -7.00 -2.80 6.37
C ILE A 187 -7.55 -3.97 5.54
N SER A 188 -7.10 -5.18 5.85
CA SER A 188 -7.62 -6.36 5.15
C SER A 188 -7.67 -7.53 6.13
N TRP A 189 -8.34 -8.59 5.73
CA TRP A 189 -8.38 -9.83 6.52
C TRP A 189 -7.67 -10.97 5.85
N LYS A 190 -7.38 -10.86 4.55
CA LYS A 190 -6.76 -12.02 3.84
C LYS A 190 -5.30 -12.20 4.18
N HIS A 191 -4.59 -11.13 4.50
CA HIS A 191 -3.19 -11.24 4.84
C HIS A 191 -2.80 -10.21 5.93
N LYS A 192 -2.46 -10.71 7.10
CA LYS A 192 -2.03 -9.87 8.23
C LYS A 192 -0.69 -9.18 7.95
N PRO A 193 -0.62 -7.83 8.05
CA PRO A 193 0.62 -7.11 7.71
C PRO A 193 1.64 -7.26 8.82
N SER A 194 2.94 -7.01 8.61
CA SER A 194 3.89 -7.18 9.74
C SER A 194 5.20 -6.36 9.82
N GLY A 195 5.30 -5.27 9.08
CA GLY A 195 6.46 -4.36 9.26
C GLY A 195 6.12 -2.87 9.26
N GLY A 196 4.84 -2.55 9.38
CA GLY A 196 4.33 -1.19 9.27
C GLY A 196 3.87 -0.60 10.60
N THR A 197 3.22 0.54 10.47
CA THR A 197 2.80 1.36 11.59
C THR A 197 1.29 1.43 11.69
N THR A 198 0.60 1.43 10.54
CA THR A 198 -0.85 1.34 10.53
C THR A 198 -1.41 -0.06 10.87
N ASP A 199 -0.50 -1.03 10.98
CA ASP A 199 -0.79 -2.43 11.27
C ASP A 199 -1.66 -2.66 12.49
N TYR A 200 -1.61 -1.75 13.48
CA TYR A 200 -2.44 -1.90 14.68
C TYR A 200 -3.93 -2.04 14.31
N ALA A 201 -4.38 -1.36 13.26
CA ALA A 201 -5.80 -1.45 12.94
C ALA A 201 -6.16 -2.90 12.52
N VAL A 202 -5.33 -3.53 11.71
CA VAL A 202 -5.64 -4.92 11.32
C VAL A 202 -5.43 -5.84 12.53
N GLU A 203 -4.37 -5.63 13.28
CA GLU A 203 -4.06 -6.49 14.39
C GLU A 203 -5.21 -6.48 15.39
N MET A 204 -5.82 -5.31 15.59
CA MET A 204 -6.89 -5.13 16.56
C MET A 204 -8.08 -5.99 16.15
N TYR A 205 -8.44 -5.97 14.86
CA TYR A 205 -9.48 -6.90 14.38
C TYR A 205 -9.13 -8.35 14.62
N PHE A 206 -7.93 -8.77 14.24
CA PHE A 206 -7.59 -10.20 14.31
C PHE A 206 -7.68 -10.63 15.77
N ASP A 207 -7.05 -9.85 16.65
CA ASP A 207 -6.98 -10.22 18.09
C ASP A 207 -8.30 -10.08 18.82
N ALA A 208 -9.11 -9.11 18.47
CA ALA A 208 -10.46 -9.06 19.02
C ALA A 208 -11.24 -10.35 18.76
N VAL A 209 -11.17 -10.88 17.55
CA VAL A 209 -11.96 -12.09 17.23
C VAL A 209 -11.31 -13.33 17.79
N GLU A 210 -9.99 -13.43 17.71
CA GLU A 210 -9.30 -14.66 18.07
C GLU A 210 -9.22 -14.86 19.58
N SER A 211 -9.08 -13.78 20.35
CA SER A 211 -8.81 -13.89 21.79
C SER A 211 -9.58 -12.89 22.63
N GLY A 212 -10.32 -11.98 22.01
CA GLY A 212 -11.02 -10.95 22.76
C GLY A 212 -10.14 -9.99 23.56
N LYS A 213 -8.85 -9.92 23.25
CA LYS A 213 -7.95 -8.96 23.87
C LYS A 213 -6.94 -8.51 22.86
N TYR A 214 -6.55 -7.23 22.95
CA TYR A 214 -5.47 -6.68 22.10
C TYR A 214 -4.59 -5.72 22.86
N GLU A 215 -3.29 -5.76 22.60
CA GLU A 215 -2.33 -4.76 23.10
C GLU A 215 -1.88 -3.86 21.97
N CYS A 216 -2.38 -2.63 21.98
CA CYS A 216 -2.17 -1.70 20.91
C CYS A 216 -0.86 -0.96 21.10
N PHE A 217 -0.10 -0.86 20.02
CA PHE A 217 1.25 -0.30 20.08
C PHE A 217 1.28 1.20 19.77
N VAL A 218 0.12 1.80 19.55
CA VAL A 218 0.03 3.25 19.56
C VAL A 218 -0.97 3.68 20.66
N ASN A 219 -0.90 4.93 21.09
CA ASN A 219 -1.79 5.43 22.14
C ASN A 219 -3.17 5.56 21.59
N ARG A 220 -4.15 5.71 22.47
CA ARG A 220 -5.54 5.52 22.09
C ARG A 220 -6.07 6.64 21.18
N ASN A 221 -5.38 7.78 21.15
CA ASN A 221 -5.77 8.92 20.34
C ASN A 221 -5.15 8.99 18.97
N THR A 222 -4.25 8.08 18.66
CA THR A 222 -3.51 8.09 17.41
C THR A 222 -4.53 8.01 16.25
N ARG A 223 -4.52 9.01 15.40
CA ARG A 223 -5.53 9.20 14.39
C ARG A 223 -4.88 9.31 13.00
N LEU A 224 -5.26 8.43 12.07
CA LEU A 224 -4.60 8.32 10.78
C LEU A 224 -5.60 8.05 9.66
N PRO A 225 -5.24 8.37 8.43
CA PRO A 225 -6.06 7.99 7.28
C PRO A 225 -6.01 6.48 7.04
N MET A 226 -7.18 5.89 6.83
CA MET A 226 -7.32 4.44 6.69
C MET A 226 -8.23 4.14 5.51
N MET A 227 -8.07 2.94 4.97
CA MET A 227 -8.92 2.50 3.86
C MET A 227 -9.04 0.98 3.86
N PHE A 228 -10.22 0.50 3.53
CA PHE A 228 -10.40 -0.95 3.41
C PHE A 228 -9.79 -1.46 2.09
N MET A 229 -9.24 -2.66 2.10
CA MET A 229 -8.49 -3.17 0.94
C MET A 229 -9.31 -3.20 -0.36
N ASP A 230 -10.60 -3.58 -0.30
CA ASP A 230 -11.44 -3.58 -1.53
C ASP A 230 -11.38 -2.27 -2.24
N ASP A 231 -11.52 -1.20 -1.47
CA ASP A 231 -11.42 0.17 -2.02
C ASP A 231 -10.01 0.43 -2.64
N ALA A 232 -8.95 0.07 -1.93
CA ALA A 232 -7.58 0.30 -2.40
C ALA A 232 -7.29 -0.46 -3.69
N ILE A 233 -7.73 -1.72 -3.76
CA ILE A 233 -7.58 -2.51 -4.99
C ILE A 233 -8.35 -1.90 -6.15
N ARG A 234 -9.62 -1.56 -5.92
CA ARG A 234 -10.43 -0.98 -6.97
C ARG A 234 -9.82 0.37 -7.48
N ALA A 235 -9.35 1.23 -6.57
CA ALA A 235 -8.68 2.48 -6.95
C ALA A 235 -7.49 2.24 -7.85
N THR A 236 -6.71 1.22 -7.52
CA THR A 236 -5.51 0.88 -8.28
C THR A 236 -5.89 0.47 -9.69
N LEU A 237 -6.95 -0.35 -9.81
CA LEU A 237 -7.37 -0.81 -11.14
C LEU A 237 -8.01 0.33 -11.93
N GLU A 238 -8.82 1.15 -11.28
CA GLU A 238 -9.42 2.31 -11.95
C GLU A 238 -8.38 3.28 -12.45
N LEU A 239 -7.36 3.57 -11.64
CA LEU A 239 -6.34 4.53 -12.04
C LEU A 239 -5.54 3.99 -13.21
N MET A 240 -5.26 2.69 -13.17
CA MET A 240 -4.52 2.07 -14.29
C MET A 240 -5.30 2.07 -15.61
N ASP A 241 -6.62 2.02 -15.52
CA ASP A 241 -7.50 2.06 -16.71
C ASP A 241 -7.80 3.43 -17.25
N ALA A 242 -7.58 4.49 -16.48
CA ALA A 242 -7.84 5.83 -16.98
C ALA A 242 -7.07 6.11 -18.28
N PRO A 243 -7.67 6.91 -19.19
CA PRO A 243 -6.90 7.48 -20.30
C PRO A 243 -5.77 8.38 -19.78
N LEU A 244 -4.57 8.22 -20.34
CA LEU A 244 -3.41 8.98 -19.82
C LEU A 244 -3.67 10.48 -19.87
N ASP A 245 -4.35 10.95 -20.89
CA ASP A 245 -4.39 12.39 -21.05
C ASP A 245 -5.36 13.04 -20.06
N SER A 246 -6.15 12.23 -19.33
CA SER A 246 -7.00 12.77 -18.25
C SER A 246 -6.27 12.99 -16.91
N LEU A 247 -5.05 12.49 -16.78
CA LEU A 247 -4.36 12.53 -15.50
C LEU A 247 -3.54 13.80 -15.39
N ASN A 248 -3.72 14.52 -14.30
CA ASN A 248 -2.87 15.68 -14.02
C ASN A 248 -1.75 15.36 -13.06
N TYR A 249 -1.79 14.16 -12.51
CA TYR A 249 -0.75 13.66 -11.60
C TYR A 249 -0.38 12.28 -12.06
N HIS A 250 0.78 11.79 -11.64
CA HIS A 250 1.25 10.50 -12.15
C HIS A 250 1.60 9.52 -11.02
N SER A 251 2.73 9.70 -10.34
CA SER A 251 3.20 8.74 -9.36
C SER A 251 2.49 8.81 -7.98
N ASN A 252 1.69 9.83 -7.72
CA ASN A 252 1.51 10.25 -6.35
C ASN A 252 0.11 10.81 -6.00
N TYR A 253 -0.94 10.27 -6.60
CA TYR A 253 -2.29 10.73 -6.22
C TYR A 253 -2.59 10.56 -4.73
N ASN A 254 -3.00 11.63 -4.07
CA ASN A 254 -3.70 11.53 -2.80
C ASN A 254 -4.95 10.67 -2.94
N LEU A 255 -5.26 9.90 -1.91
CA LEU A 255 -6.43 9.06 -1.96
C LEU A 255 -7.02 8.87 -0.58
N SER A 256 -8.34 9.02 -0.46
CA SER A 256 -8.95 9.16 0.84
C SER A 256 -10.13 8.19 0.99
N SER A 257 -10.37 7.73 2.22
CA SER A 257 -11.63 7.08 2.56
C SER A 257 -12.02 7.45 3.98
N MET A 258 -11.29 6.94 4.97
CA MET A 258 -11.65 7.15 6.40
C MET A 258 -10.56 7.78 7.18
N SER A 259 -10.91 8.28 8.37
CA SER A 259 -9.93 8.75 9.35
C SER A 259 -10.56 8.48 10.70
N PHE A 260 -9.82 7.86 11.61
CA PHE A 260 -10.33 7.60 12.96
C PHE A 260 -9.17 7.34 13.90
N SER A 261 -9.45 7.45 15.20
CA SER A 261 -8.47 7.17 16.23
C SER A 261 -8.55 5.71 16.58
N ALA A 262 -7.50 5.19 17.22
CA ALA A 262 -7.48 3.80 17.68
C ALA A 262 -8.69 3.45 18.59
N GLU A 263 -9.00 4.31 19.55
CA GLU A 263 -10.10 4.00 20.44
C GLU A 263 -11.42 4.07 19.70
N GLU A 264 -11.50 4.89 18.67
CA GLU A 264 -12.72 4.91 17.85
C GLU A 264 -12.91 3.58 17.12
N LEU A 265 -11.83 3.01 16.61
CA LEU A 265 -11.90 1.65 16.04
C LEU A 265 -12.27 0.61 17.10
N GLU A 266 -11.69 0.72 18.29
CA GLU A 266 -11.98 -0.20 19.38
C GLU A 266 -13.46 -0.20 19.66
N LYS A 267 -14.06 0.98 19.67
CA LYS A 267 -15.47 1.10 19.94
C LYS A 267 -16.34 0.49 18.84
N GLU A 268 -15.96 0.70 17.59
CA GLU A 268 -16.70 0.12 16.46
C GLU A 268 -16.70 -1.41 16.54
N ILE A 269 -15.53 -1.98 16.79
CA ILE A 269 -15.36 -3.41 16.91
C ILE A 269 -16.16 -3.95 18.10
N SER A 270 -16.09 -3.23 19.24
CA SER A 270 -16.79 -3.61 20.48
C SER A 270 -18.28 -3.71 20.32
N ALA A 271 -18.84 -3.01 19.36
CA ALA A 271 -20.26 -3.15 19.06
C ALA A 271 -20.58 -4.52 18.42
N HIS A 272 -19.56 -5.28 18.03
CA HIS A 272 -19.76 -6.58 17.43
C HIS A 272 -19.24 -7.73 18.29
N VAL A 273 -18.10 -7.54 18.94
CA VAL A 273 -17.52 -8.59 19.79
C VAL A 273 -16.98 -7.94 21.06
N ASP A 274 -17.18 -8.64 22.16
CA ASP A 274 -16.44 -8.47 23.42
C ASP A 274 -14.93 -8.46 23.24
N PHE A 275 -14.27 -7.34 23.53
CA PHE A 275 -12.83 -7.40 23.75
C PHE A 275 -12.32 -6.19 24.54
N ASN A 276 -11.23 -6.42 25.22
CA ASN A 276 -10.60 -5.34 25.94
C ASN A 276 -9.28 -5.01 25.30
N CYS A 277 -9.07 -3.72 25.12
CA CYS A 277 -7.93 -3.22 24.43
C CYS A 277 -7.05 -2.50 25.43
N LEU A 278 -5.78 -2.85 25.51
CA LEU A 278 -4.83 -2.11 26.36
C LEU A 278 -3.89 -1.34 25.45
N TYR A 279 -3.52 -0.14 25.85
CA TYR A 279 -2.68 0.70 24.99
C TYR A 279 -1.28 0.80 25.58
N LYS A 280 -0.31 0.35 24.80
CA LYS A 280 1.08 0.24 25.23
C LYS A 280 2.00 0.72 24.10
N PRO A 281 2.18 2.04 23.94
CA PRO A 281 2.93 2.58 22.80
C PRO A 281 4.37 2.12 22.77
N ASP A 282 4.90 1.94 21.56
CA ASP A 282 6.31 1.76 21.40
C ASP A 282 6.84 2.73 20.38
N TYR A 283 8.05 2.47 19.86
CA TYR A 283 8.73 3.36 18.90
C TYR A 283 7.85 3.75 17.73
N ARG A 284 6.85 2.93 17.41
CA ARG A 284 6.00 3.19 16.25
C ARG A 284 5.10 4.41 16.47
N GLN A 285 4.86 4.75 17.73
CA GLN A 285 4.21 6.04 18.06
C GLN A 285 4.92 7.22 17.41
N ASP A 286 6.23 7.25 17.49
CA ASP A 286 7.00 8.37 16.97
C ASP A 286 6.83 8.49 15.47
N ILE A 287 6.57 7.37 14.80
CA ILE A 287 6.38 7.34 13.37
C ILE A 287 5.01 7.94 13.08
N ALA A 288 3.99 7.38 13.70
CA ALA A 288 2.63 7.77 13.45
C ALA A 288 2.39 9.22 13.79
N ASP A 289 3.06 9.73 14.85
CA ASP A 289 2.82 11.12 15.30
C ASP A 289 3.14 12.16 14.20
N THR A 290 4.00 11.78 13.28
CA THR A 290 4.50 12.69 12.27
C THR A 290 3.63 12.69 11.01
N TRP A 291 2.56 11.89 11.02
CA TRP A 291 1.71 11.71 9.82
C TRP A 291 0.40 12.48 9.98
N PRO A 292 -0.28 12.76 8.87
CA PRO A 292 -1.53 13.51 8.90
C PRO A 292 -2.67 12.73 9.48
N ILE A 293 -3.78 13.39 9.74
CA ILE A 293 -4.99 12.68 10.15
C ILE A 293 -5.93 12.35 8.98
N SER A 294 -5.95 13.20 7.96
CA SER A 294 -6.81 12.99 6.80
C SER A 294 -6.25 13.68 5.55
N ILE A 295 -6.77 13.31 4.38
CA ILE A 295 -6.14 13.62 3.09
C ILE A 295 -7.19 14.21 2.12
N ASN A 296 -6.87 15.33 1.49
CA ASN A 296 -7.68 15.86 0.37
C ASN A 296 -7.31 15.16 -0.92
N ASP A 297 -8.23 14.33 -1.43
CA ASP A 297 -8.01 13.60 -2.68
C ASP A 297 -8.85 14.12 -3.88
N ASP A 298 -9.11 15.41 -3.91
CA ASP A 298 -9.97 15.94 -4.93
C ASP A 298 -9.43 15.64 -6.31
N ASP A 299 -8.11 15.60 -6.48
CA ASP A 299 -7.56 15.37 -7.84
C ASP A 299 -7.88 14.00 -8.35
N ALA A 300 -7.79 12.97 -7.49
CA ALA A 300 -8.23 11.64 -7.89
C ALA A 300 -9.72 11.62 -8.25
N ARG A 301 -10.52 12.25 -7.39
CA ARG A 301 -11.98 12.34 -7.64
C ARG A 301 -12.29 13.05 -8.97
N LYS A 302 -11.60 14.14 -9.22
CA LYS A 302 -11.82 14.91 -10.45
C LYS A 302 -11.24 14.22 -11.69
N ASP A 303 -9.99 13.75 -11.63
CA ASP A 303 -9.29 13.27 -12.81
C ASP A 303 -9.82 11.94 -13.32
N TRP A 304 -10.07 11.00 -12.41
CA TRP A 304 -10.38 9.66 -12.83
C TRP A 304 -11.51 9.01 -12.04
N GLY A 305 -12.31 9.84 -11.38
CA GLY A 305 -13.61 9.40 -10.89
C GLY A 305 -13.60 8.58 -9.62
N TRP A 306 -12.60 8.77 -8.76
CA TRP A 306 -12.49 8.02 -7.53
C TRP A 306 -13.65 8.36 -6.62
N GLU A 307 -14.30 7.34 -6.08
CA GLU A 307 -15.10 7.45 -4.84
C GLU A 307 -14.96 6.19 -4.01
N PRO A 308 -14.72 6.30 -2.69
CA PRO A 308 -14.67 5.11 -1.86
C PRO A 308 -16.04 4.55 -1.56
N LYS A 309 -16.14 3.25 -1.31
CA LYS A 309 -17.43 2.63 -1.01
C LYS A 309 -17.54 2.05 0.40
N PHE A 310 -16.44 1.95 1.14
CA PHE A 310 -16.46 1.27 2.43
C PHE A 310 -16.21 2.28 3.53
N ASP A 311 -17.24 2.59 4.31
CA ASP A 311 -17.07 3.32 5.56
C ASP A 311 -16.72 2.39 6.69
N ILE A 312 -16.56 2.94 7.91
CA ILE A 312 -16.00 2.16 9.02
C ILE A 312 -16.89 0.98 9.39
N SER A 313 -18.21 1.14 9.31
CA SER A 313 -19.12 0.08 9.78
C SER A 313 -19.23 -1.05 8.75
N LYS A 314 -19.33 -0.72 7.47
CA LYS A 314 -19.25 -1.74 6.40
C LYS A 314 -17.92 -2.48 6.40
N MET A 315 -16.83 -1.78 6.58
CA MET A 315 -15.53 -2.43 6.66
C MET A 315 -15.53 -3.39 7.87
N THR A 316 -15.96 -2.90 9.00
CA THR A 316 -16.01 -3.69 10.24
C THR A 316 -16.88 -4.95 10.05
N GLU A 317 -18.00 -4.83 9.40
CA GLU A 317 -18.82 -6.01 9.15
C GLU A 317 -18.01 -7.06 8.37
N GLU A 318 -17.33 -6.64 7.33
CA GLU A 318 -16.61 -7.55 6.42
C GLU A 318 -15.53 -8.23 7.18
N MET A 319 -14.78 -7.44 7.93
CA MET A 319 -13.68 -7.94 8.73
C MET A 319 -14.14 -8.99 9.75
N ILE A 320 -15.16 -8.66 10.53
CA ILE A 320 -15.57 -9.55 11.61
C ILE A 320 -16.20 -10.85 11.04
N THR A 321 -17.09 -10.70 10.08
CA THR A 321 -17.72 -11.87 9.44
C THR A 321 -16.69 -12.82 8.89
N ASN A 322 -15.73 -12.31 8.13
CA ASN A 322 -14.73 -13.16 7.59
C ASN A 322 -13.74 -13.73 8.60
N LEU A 323 -13.34 -12.93 9.58
CA LEU A 323 -12.47 -13.46 10.65
C LEU A 323 -13.18 -14.50 11.55
N ARG A 324 -14.47 -14.28 11.87
CA ARG A 324 -15.27 -15.30 12.60
C ARG A 324 -15.28 -16.61 11.81
N ARG A 325 -15.60 -16.55 10.52
CA ARG A 325 -15.53 -17.74 9.65
C ARG A 325 -14.19 -18.44 9.71
N LEU A 326 -13.12 -17.68 9.57
CA LEU A 326 -11.80 -18.25 9.58
C LEU A 326 -11.44 -18.84 10.93
N ASN A 327 -12.09 -18.39 12.00
CA ASN A 327 -11.86 -18.94 13.35
C ASN A 327 -12.87 -20.00 13.81
N GLU A 328 -13.79 -20.40 12.97
CA GLU A 328 -14.86 -21.34 13.39
C GLU A 328 -14.30 -22.62 14.04
#